data_3OML
#
_entry.id   3OML
#
_cell.length_a   114.480
_cell.length_b   114.480
_cell.length_c   89.110
_cell.angle_alpha   90.00
_cell.angle_beta   90.00
_cell.angle_gamma   90.00
#
_symmetry.space_group_name_H-M   'P 43 21 2'
#
loop_
_entity.id
_entity.type
_entity.pdbx_description
1 polymer 'Peroxisomal Multifunctional Enzyme Type 2, CG3415'
2 water water
#
_entity_poly.entity_id   1
_entity_poly.type   'polypeptide(L)'
_entity_poly.pdbx_seq_one_letter_code
;MHHHHHHMSSSDGKLRYDGRVAVVTGAGAGLGREYALLFAERGAKVVVNDLGGTHSGDGASQRAADIVVDEIRKAGGEAV
ADYNSVIDGAKVIETAIKAFGRVDILVNNAGILRDRSLVKTSEQDWNLVNDVHLKGSFKCTQAAFPYMKKQNYGRIIMTS
SNSGIYGNFGQVNYTAAKMGLIGLANTVAIEGARNNVLCNVIVPTAASRMTEGILPDILFNELKPKLIAPVVAYLCHESC
EDNGSYIESAAGWATKLHMVRGKGAVLRPSLDDPVTIEYVKDVWSNVTDMSKAKHLGAIAEASGTLLEVLEKLKEGGGDA
IEDAFEFNSKELITYALGIGASVKNAKDMRFLYENDADFAAIPTFFVLPGLLLQMSTDKLLSKALPNSQVDFSNILHGEQ
YLEIVDDLPTSGTLLTNGKVFDVMDKGSGAVVVTNSESFDESGRLLVRNQSTTFIVGAGKFGGKKDPIAGVVPLQPAPNR
QPDATVQYTTSEDQAALYRLSGDKNPLHIDPQMALLAGFKTPILHGLCTLGFSVRAVLAQFADNNPALFKAVKVRFSGPV
IPGQTLRVDLWKQGTRINFRTVVVETGKEVISGAYVDLKSSQAKLLEHHHHHH
;
_entity_poly.pdbx_strand_id   A
#
# COMPACT_ATOMS: atom_id res chain seq x y z
N LEU A 15 -19.05 13.77 28.74
CA LEU A 15 -19.46 13.82 27.30
C LEU A 15 -20.98 13.75 27.13
N ARG A 16 -21.58 14.91 26.89
CA ARG A 16 -23.05 15.04 26.86
C ARG A 16 -23.63 15.51 25.52
N TYR A 17 -24.95 15.53 25.47
CA TYR A 17 -25.70 15.90 24.26
C TYR A 17 -26.74 16.99 24.56
N ASP A 18 -26.33 18.00 25.34
CA ASP A 18 -27.20 19.11 25.63
C ASP A 18 -27.46 19.93 24.37
N GLY A 19 -28.68 20.45 24.25
CA GLY A 19 -29.12 21.22 23.09
C GLY A 19 -29.24 20.45 21.79
N ARG A 20 -29.42 19.13 21.89
CA ARG A 20 -29.53 18.23 20.73
C ARG A 20 -30.86 17.44 20.72
N VAL A 21 -31.46 17.31 19.54
CA VAL A 21 -32.66 16.48 19.35
C VAL A 21 -32.32 15.27 18.50
N ALA A 22 -32.60 14.06 19.02
CA ALA A 22 -32.35 12.82 18.30
C ALA A 22 -33.62 12.04 17.96
N VAL A 23 -33.65 11.45 16.77
CA VAL A 23 -34.77 10.61 16.34
C VAL A 23 -34.31 9.16 16.12
N VAL A 24 -34.93 8.23 16.85
CA VAL A 24 -34.64 6.81 16.70
C VAL A 24 -35.86 6.05 16.20
N THR A 25 -35.72 5.42 15.03
CA THR A 25 -36.75 4.54 14.50
C THR A 25 -36.55 3.14 15.08
N GLY A 26 -37.66 2.42 15.25
CA GLY A 26 -37.67 1.10 15.88
C GLY A 26 -37.13 1.15 17.30
N ALA A 27 -37.43 2.24 18.00
CA ALA A 27 -36.95 2.48 19.35
C ALA A 27 -37.81 1.79 20.40
N GLY A 28 -38.86 1.10 19.94
CA GLY A 28 -39.75 0.35 20.83
C GLY A 28 -39.01 -0.74 21.57
N ALA A 29 -38.01 -1.34 20.92
CA ALA A 29 -37.27 -2.49 21.46
C ALA A 29 -35.81 -2.59 20.97
N GLY A 30 -35.09 -3.58 21.50
CA GLY A 30 -33.75 -3.96 21.03
C GLY A 30 -32.74 -2.83 20.97
N LEU A 31 -31.97 -2.79 19.87
CA LEU A 31 -31.00 -1.72 19.59
C LEU A 31 -31.60 -0.30 19.73
N GLY A 32 -32.71 -0.07 19.02
CA GLY A 32 -33.40 1.24 19.06
C GLY A 32 -33.69 1.71 20.47
N ARG A 33 -34.39 0.87 21.23
CA ARG A 33 -34.69 1.13 22.63
C ARG A 33 -33.47 1.65 23.39
N GLU A 34 -32.34 0.95 23.26
CA GLU A 34 -31.15 1.34 24.03
C GLU A 34 -30.46 2.58 23.50
N TYR A 35 -30.57 2.83 22.20
CA TYR A 35 -30.14 4.13 21.63
C TYR A 35 -30.96 5.24 22.27
N ALA A 36 -32.25 5.00 22.45
CA ALA A 36 -33.16 5.95 23.09
C ALA A 36 -32.73 6.31 24.51
N LEU A 37 -32.53 5.29 25.34
CA LEU A 37 -32.16 5.46 26.75
C LEU A 37 -30.84 6.20 26.99
N LEU A 38 -29.81 5.81 26.25
CA LEU A 38 -28.48 6.41 26.38
C LEU A 38 -28.46 7.88 25.91
N PHE A 39 -29.07 8.15 24.76
CA PHE A 39 -29.21 9.53 24.29
C PHE A 39 -29.89 10.43 25.34
N ALA A 40 -30.99 9.94 25.93
CA ALA A 40 -31.68 10.67 27.00
C ALA A 40 -30.86 10.69 28.28
N GLU A 41 -30.22 9.57 28.60
CA GLU A 41 -29.32 9.46 29.75
C GLU A 41 -28.30 10.60 29.76
N ARG A 42 -27.74 10.92 28.60
CA ARG A 42 -26.69 11.94 28.48
C ARG A 42 -27.16 13.28 27.91
N GLY A 43 -28.38 13.69 28.25
CA GLY A 43 -28.82 15.07 28.01
C GLY A 43 -29.67 15.39 26.79
N ALA A 44 -29.63 14.54 25.76
CA ALA A 44 -30.40 14.80 24.54
C ALA A 44 -31.91 14.59 24.72
N LYS A 45 -32.73 15.42 24.07
CA LYS A 45 -34.16 15.19 24.04
C LYS A 45 -34.56 14.38 22.79
N VAL A 46 -35.28 13.29 23.05
CA VAL A 46 -35.39 12.15 22.12
C VAL A 46 -36.82 11.93 21.60
N VAL A 47 -36.92 11.46 20.36
CA VAL A 47 -38.18 10.97 19.80
C VAL A 47 -38.10 9.46 19.60
N VAL A 48 -38.91 8.73 20.38
CA VAL A 48 -39.01 7.28 20.25
C VAL A 48 -40.08 6.95 19.19
N ASN A 49 -39.65 6.52 18.00
CA ASN A 49 -40.58 6.18 16.93
C ASN A 49 -41.45 4.97 17.27
N ALA A 64 -45.84 0.09 21.92
CA ALA A 64 -44.40 -0.15 21.88
C ALA A 64 -43.59 1.09 22.24
N ALA A 65 -43.89 2.20 21.56
CA ALA A 65 -43.18 3.46 21.74
C ALA A 65 -43.46 4.08 23.10
N ASP A 66 -44.73 4.06 23.51
CA ASP A 66 -45.20 4.62 24.77
C ASP A 66 -44.47 4.01 25.98
N ILE A 67 -44.28 2.68 25.96
CA ILE A 67 -43.55 1.99 27.01
C ILE A 67 -42.12 2.54 27.20
N VAL A 68 -41.46 2.87 26.09
CA VAL A 68 -40.11 3.43 26.12
C VAL A 68 -40.10 4.90 26.55
N VAL A 69 -41.08 5.68 26.08
CA VAL A 69 -41.21 7.08 26.49
C VAL A 69 -41.36 7.19 28.02
N ASP A 70 -42.31 6.46 28.58
CA ASP A 70 -42.59 6.50 30.02
C ASP A 70 -41.39 6.07 30.87
N GLU A 71 -40.61 5.15 30.32
CA GLU A 71 -39.39 4.64 30.96
C GLU A 71 -38.22 5.61 30.89
N ILE A 72 -38.13 6.36 29.79
CA ILE A 72 -37.14 7.42 29.66
C ILE A 72 -37.46 8.56 30.62
N ARG A 73 -38.76 8.92 30.67
CA ARG A 73 -39.26 10.01 31.51
C ARG A 73 -39.01 9.73 32.99
N LYS A 74 -39.41 8.54 33.44
CA LYS A 74 -39.26 8.12 34.83
C LYS A 74 -37.80 8.07 35.28
N ALA A 75 -36.91 7.76 34.35
CA ALA A 75 -35.47 7.76 34.59
C ALA A 75 -34.90 9.18 34.67
N GLY A 76 -35.76 10.18 34.45
CA GLY A 76 -35.38 11.59 34.55
C GLY A 76 -34.84 12.13 33.23
N GLY A 77 -35.72 12.24 32.23
CA GLY A 77 -35.34 12.75 30.91
C GLY A 77 -36.52 13.25 30.09
N GLU A 78 -36.22 13.91 28.97
CA GLU A 78 -37.24 14.44 28.07
C GLU A 78 -37.32 13.65 26.77
N ALA A 79 -38.53 13.23 26.40
CA ALA A 79 -38.76 12.44 25.20
C ALA A 79 -40.23 12.44 24.79
N VAL A 80 -40.48 12.36 23.48
CA VAL A 80 -41.84 12.23 22.96
C VAL A 80 -42.03 10.95 22.16
N ALA A 81 -43.27 10.46 22.09
CA ALA A 81 -43.58 9.24 21.34
C ALA A 81 -43.91 9.53 19.89
N ASP A 82 -43.79 8.51 19.04
CA ASP A 82 -44.14 8.61 17.62
C ASP A 82 -44.63 7.25 17.12
N TYR A 83 -45.78 7.24 16.44
CA TYR A 83 -46.37 5.99 15.95
C TYR A 83 -46.28 5.80 14.43
N ASN A 84 -45.54 6.68 13.76
CA ASN A 84 -45.48 6.70 12.30
C ASN A 84 -44.64 5.58 11.69
N SER A 85 -45.04 5.12 10.50
CA SER A 85 -44.25 4.14 9.75
C SER A 85 -43.10 4.86 9.03
N VAL A 86 -41.98 4.14 8.86
CA VAL A 86 -40.78 4.73 8.25
C VAL A 86 -40.93 5.14 6.77
N ILE A 87 -41.80 4.44 6.05
CA ILE A 87 -42.24 4.87 4.72
C ILE A 87 -42.68 6.35 4.74
N ASP A 88 -43.35 6.77 5.82
CA ASP A 88 -43.85 8.16 5.96
C ASP A 88 -42.98 9.03 6.88
N GLY A 89 -41.73 9.27 6.46
CA GLY A 89 -40.71 9.90 7.30
C GLY A 89 -40.91 11.37 7.63
N ALA A 90 -41.70 12.07 6.80
CA ALA A 90 -41.98 13.49 7.03
C ALA A 90 -42.67 13.73 8.38
N LYS A 91 -43.64 12.89 8.70
CA LYS A 91 -44.36 12.98 9.96
C LYS A 91 -43.51 12.52 11.15
N VAL A 92 -42.56 11.61 10.89
CA VAL A 92 -41.62 11.15 11.91
C VAL A 92 -40.75 12.33 12.35
N ILE A 93 -40.05 12.93 11.38
CA ILE A 93 -39.17 14.06 11.63
C ILE A 93 -39.85 15.15 12.48
N GLU A 94 -41.03 15.63 12.02
CA GLU A 94 -41.82 16.60 12.78
C GLU A 94 -42.46 15.97 14.03
N ILE A 105 -29.51 14.59 15.19
CA ILE A 105 -29.27 13.16 15.22
C ILE A 105 -30.46 12.38 14.66
N LEU A 106 -30.19 11.49 13.71
CA LEU A 106 -31.21 10.53 13.28
C LEU A 106 -30.59 9.16 13.14
N VAL A 107 -31.10 8.22 13.92
CA VAL A 107 -30.68 6.81 13.83
C VAL A 107 -31.80 6.00 13.18
N ASN A 108 -31.56 5.56 11.95
CA ASN A 108 -32.48 4.69 11.22
C ASN A 108 -32.27 3.26 11.69
N ASN A 109 -33.23 2.72 12.45
CA ASN A 109 -33.05 1.38 13.03
C ASN A 109 -34.24 0.45 12.84
N ALA A 110 -35.39 0.98 12.41
CA ALA A 110 -36.56 0.14 12.18
C ALA A 110 -36.26 -0.92 11.12
N GLY A 111 -36.86 -2.09 11.25
CA GLY A 111 -36.63 -3.20 10.33
C GLY A 111 -37.73 -4.25 10.42
N ILE A 112 -37.75 -5.16 9.46
CA ILE A 112 -38.60 -6.36 9.51
C ILE A 112 -37.84 -7.56 8.94
N LEU A 113 -38.30 -8.77 9.21
CA LEU A 113 -37.72 -9.95 8.61
C LEU A 113 -38.77 -10.73 7.85
N ARG A 114 -38.42 -11.16 6.64
CA ARG A 114 -39.22 -12.09 5.85
C ARG A 114 -38.25 -13.00 5.10
N ASP A 115 -37.60 -13.88 5.87
CA ASP A 115 -36.57 -14.78 5.37
C ASP A 115 -37.15 -15.92 4.54
N ARG A 116 -36.89 -15.89 3.24
CA ARG A 116 -37.27 -16.96 2.32
C ARG A 116 -36.08 -17.35 1.45
N SER A 117 -36.13 -18.56 0.90
CA SER A 117 -35.20 -19.00 -0.13
C SER A 117 -35.31 -18.07 -1.36
N LEU A 118 -34.50 -18.31 -2.39
CA LEU A 118 -34.53 -17.40 -3.53
C LEU A 118 -35.79 -17.64 -4.35
N VAL A 119 -36.05 -18.90 -4.68
CA VAL A 119 -37.22 -19.23 -5.51
C VAL A 119 -38.54 -19.05 -4.73
N LYS A 120 -38.45 -19.04 -3.40
CA LYS A 120 -39.64 -18.89 -2.56
C LYS A 120 -39.86 -17.47 -2.01
N THR A 121 -39.16 -16.47 -2.54
CA THR A 121 -39.34 -15.10 -2.06
C THR A 121 -40.31 -14.32 -2.96
N SER A 122 -41.46 -13.97 -2.39
CA SER A 122 -42.60 -13.46 -3.15
C SER A 122 -42.54 -11.96 -3.36
N GLU A 123 -43.61 -11.39 -3.92
CA GLU A 123 -43.70 -9.95 -4.13
C GLU A 123 -43.73 -9.19 -2.81
N GLN A 124 -44.57 -9.66 -1.88
CA GLN A 124 -44.73 -9.07 -0.55
C GLN A 124 -43.47 -9.25 0.30
N ASP A 125 -42.78 -10.37 0.09
CA ASP A 125 -41.54 -10.68 0.81
C ASP A 125 -40.43 -9.71 0.42
N TRP A 126 -40.15 -9.61 -0.88
CA TRP A 126 -39.21 -8.62 -1.40
C TRP A 126 -39.60 -7.22 -0.96
N ASN A 127 -40.85 -6.86 -1.27
CA ASN A 127 -41.35 -5.50 -1.08
C ASN A 127 -41.30 -4.96 0.34
N LEU A 128 -41.74 -5.75 1.31
CA LEU A 128 -41.90 -5.23 2.67
C LEU A 128 -40.57 -5.04 3.38
N VAL A 129 -39.61 -5.91 3.05
CA VAL A 129 -38.26 -5.79 3.58
C VAL A 129 -37.52 -4.62 2.91
N ASN A 130 -37.68 -4.47 1.61
CA ASN A 130 -37.06 -3.33 0.92
C ASN A 130 -37.64 -1.99 1.29
N ASP A 131 -38.93 -1.98 1.58
CA ASP A 131 -39.66 -0.79 2.00
C ASP A 131 -39.27 -0.24 3.38
N VAL A 132 -39.20 -1.12 4.38
CA VAL A 132 -38.92 -0.71 5.76
C VAL A 132 -37.44 -0.37 5.96
N HIS A 133 -36.56 -1.22 5.44
CA HIS A 133 -35.12 -1.00 5.59
C HIS A 133 -34.61 0.12 4.69
N LEU A 134 -34.66 -0.12 3.38
CA LEU A 134 -34.02 0.76 2.42
C LEU A 134 -34.86 2.03 2.17
N LYS A 135 -36.04 1.85 1.58
CA LYS A 135 -36.93 2.98 1.28
C LYS A 135 -37.23 3.85 2.51
N GLY A 136 -37.55 3.19 3.63
CA GLY A 136 -37.81 3.85 4.91
C GLY A 136 -36.69 4.72 5.45
N SER A 137 -35.47 4.19 5.47
CA SER A 137 -34.28 4.99 5.83
C SER A 137 -34.09 6.20 4.90
N PHE A 138 -34.36 6.02 3.61
CA PHE A 138 -34.25 7.11 2.65
C PHE A 138 -35.25 8.21 3.03
N LYS A 139 -36.54 7.87 3.03
CA LYS A 139 -37.59 8.81 3.44
C LYS A 139 -37.27 9.59 4.71
N CYS A 140 -36.81 8.90 5.75
CA CYS A 140 -36.55 9.57 7.04
C CYS A 140 -35.33 10.50 7.02
N THR A 141 -34.23 10.05 6.39
CA THR A 141 -33.06 10.89 6.20
C THR A 141 -33.40 12.11 5.33
N GLN A 142 -34.27 11.89 4.34
CA GLN A 142 -34.71 12.91 3.40
C GLN A 142 -35.34 14.07 4.16
N ALA A 143 -36.33 13.74 4.99
CA ALA A 143 -37.09 14.71 5.78
C ALA A 143 -36.29 15.44 6.86
N ALA A 144 -35.20 14.84 7.32
CA ALA A 144 -34.41 15.42 8.41
C ALA A 144 -33.26 16.32 7.95
N PHE A 145 -32.71 16.03 6.77
CA PHE A 145 -31.52 16.71 6.27
C PHE A 145 -31.61 18.25 6.24
N PRO A 146 -32.67 18.82 5.62
CA PRO A 146 -32.76 20.29 5.57
C PRO A 146 -32.50 20.95 6.93
N TYR A 147 -33.17 20.43 7.96
CA TYR A 147 -33.02 20.90 9.34
C TYR A 147 -31.57 20.82 9.85
N MET A 148 -30.84 19.78 9.42
CA MET A 148 -29.45 19.57 9.82
C MET A 148 -28.43 20.44 9.08
N LYS A 149 -28.70 20.69 7.80
CA LYS A 149 -27.80 21.44 6.94
C LYS A 149 -27.87 22.96 7.17
N LYS A 150 -29.09 23.48 7.31
CA LYS A 150 -29.30 24.92 7.55
C LYS A 150 -28.85 25.31 8.95
N GLN A 151 -28.64 24.31 9.80
CA GLN A 151 -28.16 24.46 11.16
C GLN A 151 -26.64 24.27 11.23
N ASN A 152 -26.06 23.77 10.13
CA ASN A 152 -24.63 23.41 10.07
C ASN A 152 -24.19 22.36 11.12
N TYR A 153 -25.11 21.45 11.46
CA TYR A 153 -24.83 20.32 12.35
C TYR A 153 -25.79 19.15 12.08
N GLY A 154 -25.24 17.95 11.92
CA GLY A 154 -26.06 16.76 11.64
C GLY A 154 -25.33 15.43 11.77
N ARG A 155 -26.03 14.45 12.33
CA ARG A 155 -25.49 13.11 12.53
C ARG A 155 -26.54 12.06 12.16
N ILE A 156 -26.23 11.28 11.13
CA ILE A 156 -27.14 10.26 10.63
C ILE A 156 -26.48 8.90 10.69
N ILE A 157 -27.31 7.89 10.93
CA ILE A 157 -26.88 6.51 11.04
C ILE A 157 -27.80 5.57 10.26
N MET A 158 -27.18 4.71 9.46
CA MET A 158 -27.88 3.61 8.81
C MET A 158 -27.45 2.31 9.44
N THR A 159 -28.40 1.39 9.53
CA THR A 159 -28.14 0.04 10.03
C THR A 159 -28.04 -0.94 8.87
N SER A 160 -26.84 -1.47 8.67
CA SER A 160 -26.60 -2.55 7.74
C SER A 160 -26.37 -3.87 8.53
N SER A 161 -25.85 -4.90 7.89
CA SER A 161 -25.50 -6.11 8.59
C SER A 161 -24.50 -6.97 7.82
N ASN A 162 -23.82 -7.87 8.54
CA ASN A 162 -22.88 -8.79 7.92
C ASN A 162 -23.51 -9.66 6.86
N SER A 163 -24.81 -9.92 7.04
CA SER A 163 -25.61 -10.66 6.10
C SER A 163 -25.59 -10.00 4.75
N GLY A 164 -25.77 -8.67 4.75
CA GLY A 164 -25.59 -7.89 3.55
C GLY A 164 -24.16 -7.93 3.02
N ILE A 165 -23.21 -7.73 3.92
CA ILE A 165 -21.80 -7.60 3.52
C ILE A 165 -21.23 -8.90 2.93
N TYR A 166 -21.60 -10.03 3.49
CA TYR A 166 -21.03 -11.31 3.08
C TYR A 166 -21.98 -12.20 2.29
N GLY A 167 -23.27 -11.94 2.44
CA GLY A 167 -24.29 -12.83 1.92
C GLY A 167 -24.71 -13.78 3.02
N ASN A 168 -25.93 -14.31 2.92
CA ASN A 168 -26.36 -15.40 3.78
C ASN A 168 -27.49 -16.15 3.13
N PHE A 169 -27.37 -17.49 3.09
CA PHE A 169 -28.41 -18.36 2.55
C PHE A 169 -29.80 -17.89 2.99
N GLY A 170 -30.73 -17.89 2.04
CA GLY A 170 -32.17 -17.72 2.32
C GLY A 170 -32.61 -16.34 2.75
N GLN A 171 -31.89 -15.30 2.31
CA GLN A 171 -32.15 -13.94 2.79
C GLN A 171 -32.05 -12.85 1.73
N VAL A 172 -32.20 -13.20 0.44
CA VAL A 172 -32.03 -12.23 -0.65
C VAL A 172 -32.65 -10.86 -0.38
N ASN A 173 -33.91 -10.83 0.05
CA ASN A 173 -34.57 -9.56 0.28
C ASN A 173 -33.81 -8.67 1.28
N TYR A 174 -33.47 -9.26 2.41
CA TYR A 174 -32.77 -8.58 3.50
C TYR A 174 -31.34 -8.15 3.15
N THR A 175 -30.60 -9.00 2.44
CA THR A 175 -29.20 -8.73 2.12
C THR A 175 -29.09 -7.70 1.00
N ALA A 176 -30.04 -7.75 0.07
CA ALA A 176 -30.19 -6.73 -0.95
C ALA A 176 -30.47 -5.38 -0.30
N ALA A 177 -31.43 -5.36 0.62
CA ALA A 177 -31.79 -4.14 1.36
C ALA A 177 -30.66 -3.55 2.23
N LYS A 178 -29.98 -4.39 3.01
CA LYS A 178 -28.97 -3.91 3.96
C LYS A 178 -27.67 -3.45 3.31
N MET A 179 -27.33 -4.05 2.17
CA MET A 179 -26.22 -3.53 1.37
C MET A 179 -26.65 -2.29 0.60
N GLY A 180 -27.94 -2.21 0.27
CA GLY A 180 -28.49 -1.00 -0.34
C GLY A 180 -28.30 0.22 0.55
N LEU A 181 -28.43 0.00 1.85
CA LEU A 181 -28.25 1.05 2.86
C LEU A 181 -26.82 1.59 2.91
N ILE A 182 -25.84 0.73 2.60
CA ILE A 182 -24.47 1.20 2.45
C ILE A 182 -24.31 2.20 1.28
N GLY A 183 -24.84 1.87 0.11
CA GLY A 183 -24.81 2.78 -1.03
C GLY A 183 -25.62 4.05 -0.81
N LEU A 184 -26.75 3.92 -0.11
CA LEU A 184 -27.53 5.10 0.33
C LEU A 184 -26.61 6.02 1.15
N ALA A 185 -26.05 5.48 2.24
CA ALA A 185 -25.18 6.23 3.16
C ALA A 185 -23.96 6.88 2.49
N ASN A 186 -23.39 6.17 1.52
CA ASN A 186 -22.22 6.66 0.79
C ASN A 186 -22.48 7.99 0.09
N THR A 187 -23.69 8.14 -0.43
CA THR A 187 -24.10 9.38 -1.04
C THR A 187 -24.63 10.40 -0.03
N VAL A 188 -25.38 9.95 0.97
CA VAL A 188 -25.84 10.89 2.01
C VAL A 188 -24.64 11.57 2.70
N ALA A 189 -23.62 10.79 3.03
CA ALA A 189 -22.32 11.31 3.53
C ALA A 189 -21.76 12.45 2.69
N ILE A 190 -21.71 12.26 1.38
CA ILE A 190 -21.08 13.24 0.50
C ILE A 190 -21.89 14.53 0.39
N GLU A 191 -23.21 14.41 0.19
CA GLU A 191 -24.11 15.56 0.07
C GLU A 191 -24.24 16.36 1.37
N GLY A 192 -23.75 15.80 2.48
CA GLY A 192 -23.82 16.48 3.77
C GLY A 192 -22.49 17.00 4.30
N ALA A 193 -21.40 16.58 3.67
CA ALA A 193 -20.05 16.82 4.17
C ALA A 193 -19.68 18.29 4.46
N ARG A 194 -19.92 19.20 3.51
CA ARG A 194 -19.43 20.58 3.64
C ARG A 194 -20.20 21.46 4.62
N ASN A 195 -21.28 20.94 5.18
CA ASN A 195 -22.09 21.68 6.15
C ASN A 195 -22.19 20.92 7.48
N ASN A 196 -21.21 20.07 7.75
CA ASN A 196 -21.15 19.29 8.99
C ASN A 196 -22.37 18.38 9.20
N VAL A 197 -22.88 17.82 8.10
CA VAL A 197 -23.93 16.81 8.16
C VAL A 197 -23.32 15.43 7.83
N LEU A 198 -23.02 14.64 8.87
CA LEU A 198 -22.28 13.39 8.67
C LEU A 198 -23.18 12.15 8.73
N CYS A 199 -22.84 11.15 7.94
CA CYS A 199 -23.62 9.92 7.85
C CYS A 199 -22.74 8.68 7.90
N ASN A 200 -22.95 7.85 8.93
CA ASN A 200 -22.19 6.61 9.08
C ASN A 200 -23.06 5.35 9.07
N VAL A 201 -22.42 4.19 8.97
CA VAL A 201 -23.15 2.93 8.96
C VAL A 201 -22.74 2.08 10.15
N ILE A 202 -23.73 1.66 10.93
CA ILE A 202 -23.52 0.73 12.02
C ILE A 202 -23.84 -0.70 11.54
N VAL A 203 -22.97 -1.66 11.90
CA VAL A 203 -23.18 -3.04 11.49
C VAL A 203 -23.23 -3.94 12.74
N PRO A 204 -24.43 -4.14 13.30
CA PRO A 204 -24.53 -4.87 14.54
C PRO A 204 -24.52 -6.37 14.29
N THR A 205 -23.38 -7.02 14.59
CA THR A 205 -23.24 -8.49 14.63
C THR A 205 -23.98 -9.08 15.83
N GLU A 212 -29.84 -20.68 15.65
CA GLU A 212 -29.13 -21.96 15.76
C GLU A 212 -27.60 -21.79 15.83
N GLY A 213 -26.95 -22.62 16.64
CA GLY A 213 -27.61 -23.63 17.48
C GLY A 213 -27.75 -23.15 18.91
N ILE A 214 -27.00 -23.77 19.82
CA ILE A 214 -26.80 -23.20 21.13
C ILE A 214 -25.42 -22.53 21.13
N LEU A 215 -25.38 -21.25 21.49
CA LEU A 215 -24.12 -20.56 21.72
C LEU A 215 -23.59 -20.86 23.13
N PRO A 216 -22.27 -20.68 23.36
CA PRO A 216 -21.81 -20.75 24.74
C PRO A 216 -22.34 -19.54 25.52
N ASP A 217 -22.65 -19.77 26.80
CA ASP A 217 -23.18 -18.73 27.68
C ASP A 217 -22.40 -17.42 27.56
N ILE A 218 -21.08 -17.46 27.66
CA ILE A 218 -20.30 -16.21 27.58
C ILE A 218 -20.61 -15.38 26.32
N LEU A 219 -20.73 -16.02 25.17
CA LEU A 219 -21.14 -15.33 23.96
C LEU A 219 -22.61 -14.86 23.98
N PHE A 220 -23.55 -15.79 24.26
CA PHE A 220 -24.97 -15.44 24.25
C PHE A 220 -25.25 -14.29 25.21
N ASN A 221 -24.64 -14.33 26.39
CA ASN A 221 -24.92 -13.33 27.42
C ASN A 221 -24.24 -11.98 27.21
N GLU A 222 -23.34 -11.91 26.24
CA GLU A 222 -22.73 -10.64 25.86
C GLU A 222 -23.30 -10.06 24.56
N LEU A 223 -24.14 -10.83 23.88
CA LEU A 223 -24.68 -10.38 22.60
C LEU A 223 -25.91 -9.54 22.83
N LYS A 224 -25.74 -8.43 23.55
CA LYS A 224 -26.87 -7.66 24.01
C LYS A 224 -26.82 -6.25 23.44
N PRO A 225 -28.01 -5.61 23.28
CA PRO A 225 -28.08 -4.33 22.58
C PRO A 225 -27.43 -3.17 23.33
N LYS A 226 -27.40 -3.25 24.66
CA LYS A 226 -26.85 -2.19 25.51
C LYS A 226 -25.36 -1.93 25.25
N LEU A 227 -24.66 -2.95 24.76
CA LEU A 227 -23.22 -2.87 24.49
C LEU A 227 -22.86 -2.21 23.14
N ILE A 228 -23.83 -2.10 22.24
CA ILE A 228 -23.60 -1.52 20.91
C ILE A 228 -23.97 -0.03 20.92
N ALA A 229 -24.95 0.33 21.75
CA ALA A 229 -25.46 1.71 21.82
C ALA A 229 -24.41 2.83 21.88
N PRO A 230 -23.34 2.66 22.70
CA PRO A 230 -22.38 3.76 22.82
C PRO A 230 -21.52 4.04 21.58
N VAL A 231 -21.29 3.04 20.73
CA VAL A 231 -20.60 3.21 19.44
C VAL A 231 -21.45 4.14 18.57
N VAL A 232 -22.74 3.82 18.49
CA VAL A 232 -23.72 4.64 17.77
C VAL A 232 -23.79 6.03 18.38
N ALA A 233 -23.82 6.10 19.70
CA ALA A 233 -23.83 7.37 20.41
C ALA A 233 -22.60 8.23 20.10
N TYR A 234 -21.42 7.61 20.10
CA TYR A 234 -20.20 8.35 19.76
C TYR A 234 -20.22 8.83 18.31
N LEU A 235 -20.72 8.01 17.40
CA LEU A 235 -20.85 8.36 15.98
C LEU A 235 -21.89 9.45 15.75
N CYS A 236 -22.64 9.77 16.80
CA CYS A 236 -23.67 10.81 16.73
C CYS A 236 -23.40 11.98 17.66
N HIS A 237 -22.14 12.13 18.06
CA HIS A 237 -21.72 13.22 18.94
C HIS A 237 -20.98 14.32 18.15
N GLU A 238 -20.96 15.52 18.74
CA GLU A 238 -20.32 16.70 18.16
C GLU A 238 -18.83 16.54 17.88
N SER A 239 -18.13 15.80 18.73
CA SER A 239 -16.69 15.64 18.61
C SER A 239 -16.29 14.71 17.46
N CYS A 240 -17.24 13.87 17.02
CA CYS A 240 -16.96 12.89 15.98
C CYS A 240 -16.91 13.52 14.59
N GLU A 241 -15.83 13.25 13.87
CA GLU A 241 -15.64 13.76 12.51
C GLU A 241 -15.66 12.62 11.49
N ASP A 242 -16.16 11.45 11.90
CA ASP A 242 -16.28 10.32 11.00
C ASP A 242 -17.43 10.54 10.03
N ASN A 243 -17.15 10.42 8.73
CA ASN A 243 -18.17 10.51 7.70
C ASN A 243 -17.99 9.40 6.67
N GLY A 244 -19.07 8.68 6.36
CA GLY A 244 -19.01 7.61 5.37
C GLY A 244 -18.36 6.33 5.87
N SER A 245 -18.26 6.19 7.19
CA SER A 245 -17.68 5.01 7.86
C SER A 245 -18.65 3.81 7.95
N TYR A 246 -18.08 2.60 7.90
CA TYR A 246 -18.81 1.40 8.28
C TYR A 246 -18.19 0.88 9.57
N ILE A 247 -18.98 0.90 10.64
CA ILE A 247 -18.51 0.42 11.94
C ILE A 247 -19.27 -0.82 12.34
N GLU A 248 -18.54 -1.91 12.51
CA GLU A 248 -19.11 -3.16 13.01
C GLU A 248 -18.90 -3.22 14.51
N SER A 249 -19.89 -3.73 15.24
CA SER A 249 -19.81 -3.80 16.68
C SER A 249 -20.70 -4.88 17.28
N ALA A 250 -20.21 -5.54 18.31
CA ALA A 250 -21.03 -6.44 19.15
C ALA A 250 -20.23 -6.85 20.37
N ALA A 251 -20.94 -7.26 21.42
CA ALA A 251 -20.33 -7.84 22.63
C ALA A 251 -19.28 -6.93 23.28
N GLY A 252 -19.38 -5.63 23.03
CA GLY A 252 -18.46 -4.67 23.59
C GLY A 252 -17.15 -4.64 22.80
N TRP A 253 -17.25 -4.91 21.51
CA TRP A 253 -16.12 -4.85 20.59
C TRP A 253 -16.57 -4.17 19.30
N ALA A 254 -15.65 -3.46 18.64
CA ALA A 254 -15.94 -2.75 17.39
C ALA A 254 -14.74 -2.71 16.45
N THR A 255 -15.03 -2.65 15.16
CA THR A 255 -14.02 -2.45 14.14
C THR A 255 -14.61 -1.65 13.00
N LYS A 256 -13.76 -1.30 12.04
CA LYS A 256 -14.16 -0.55 10.86
C LYS A 256 -13.98 -1.48 9.64
N LEU A 257 -14.94 -1.39 8.71
CA LEU A 257 -14.86 -2.08 7.43
C LEU A 257 -14.70 -1.05 6.32
N HIS A 258 -13.98 -1.42 5.28
CA HIS A 258 -13.98 -0.63 4.05
C HIS A 258 -13.62 -1.49 2.86
N MET A 259 -13.91 -0.99 1.67
CA MET A 259 -13.70 -1.73 0.45
C MET A 259 -12.28 -1.45 -0.02
N VAL A 260 -11.59 -2.48 -0.48
CA VAL A 260 -10.27 -2.28 -1.07
C VAL A 260 -10.28 -2.82 -2.46
N ARG A 261 -9.29 -2.37 -3.21
CA ARG A 261 -9.21 -2.58 -4.63
C ARG A 261 -7.81 -3.07 -4.97
N GLY A 262 -7.75 -4.19 -5.67
CA GLY A 262 -6.47 -4.73 -6.11
C GLY A 262 -5.76 -3.85 -7.11
N LYS A 263 -4.45 -4.08 -7.24
CA LYS A 263 -3.68 -3.43 -8.28
C LYS A 263 -4.31 -3.71 -9.66
N GLY A 264 -4.81 -4.92 -9.86
CA GLY A 264 -5.40 -5.32 -11.15
C GLY A 264 -4.40 -5.57 -12.25
N ALA A 265 -4.87 -5.59 -13.49
CA ALA A 265 -4.06 -6.01 -14.63
C ALA A 265 -4.64 -5.51 -15.97
N VAL A 266 -3.74 -5.06 -16.86
CA VAL A 266 -4.09 -4.67 -18.23
C VAL A 266 -4.47 -5.93 -19.01
N LEU A 267 -5.48 -5.83 -19.89
CA LEU A 267 -6.07 -7.00 -20.54
C LEU A 267 -5.76 -7.12 -22.04
N ARG A 268 -4.68 -6.48 -22.46
CA ARG A 268 -4.19 -6.58 -23.82
C ARG A 268 -2.69 -6.27 -23.85
N PRO A 269 -1.96 -6.80 -24.86
CA PRO A 269 -0.53 -6.53 -24.97
C PRO A 269 -0.22 -5.06 -25.28
N SER A 270 -1.13 -4.38 -25.98
CA SER A 270 -0.94 -2.96 -26.36
C SER A 270 -2.29 -2.28 -26.57
N LEU A 271 -2.27 -0.97 -26.78
CA LEU A 271 -3.45 -0.20 -27.15
C LEU A 271 -4.00 -0.51 -28.55
N ASP A 272 -3.22 -1.25 -29.33
CA ASP A 272 -3.57 -1.50 -30.73
C ASP A 272 -4.20 -2.88 -30.89
N ASP A 273 -4.35 -3.59 -29.78
CA ASP A 273 -4.96 -4.92 -29.77
C ASP A 273 -6.31 -4.88 -29.07
N PRO A 274 -7.24 -5.79 -29.47
CA PRO A 274 -8.48 -5.89 -28.73
C PRO A 274 -8.27 -6.68 -27.45
N VAL A 275 -9.34 -6.84 -26.68
CA VAL A 275 -9.33 -7.68 -25.48
C VAL A 275 -10.01 -8.99 -25.85
N THR A 276 -9.27 -10.09 -25.76
CA THR A 276 -9.85 -11.41 -26.03
C THR A 276 -10.13 -12.14 -24.73
N ILE A 277 -11.11 -13.04 -24.76
CA ILE A 277 -11.48 -13.83 -23.59
C ILE A 277 -10.28 -14.66 -23.11
N GLU A 278 -9.47 -15.11 -24.07
CA GLU A 278 -8.26 -15.91 -23.81
C GLU A 278 -7.19 -15.18 -23.00
N TYR A 279 -7.14 -13.86 -23.17
CA TYR A 279 -6.18 -13.01 -22.48
C TYR A 279 -6.67 -12.78 -21.06
N VAL A 280 -7.97 -12.55 -20.92
CA VAL A 280 -8.58 -12.35 -19.61
C VAL A 280 -8.31 -13.55 -18.71
N LYS A 281 -8.35 -14.75 -19.32
CA LYS A 281 -8.10 -16.00 -18.61
C LYS A 281 -6.64 -16.12 -18.22
N ASP A 282 -5.76 -15.90 -19.20
CA ASP A 282 -4.32 -16.03 -19.00
C ASP A 282 -3.80 -15.05 -17.94
N VAL A 283 -4.60 -14.03 -17.66
CA VAL A 283 -4.16 -12.90 -16.85
C VAL A 283 -5.01 -12.75 -15.57
N TRP A 284 -5.97 -13.66 -15.41
CA TRP A 284 -6.94 -13.65 -14.31
C TRP A 284 -6.33 -13.74 -12.89
N SER A 285 -5.23 -14.46 -12.73
CA SER A 285 -4.59 -14.56 -11.42
C SER A 285 -4.00 -13.22 -10.98
N ASN A 286 -3.63 -12.38 -11.96
CA ASN A 286 -3.16 -11.01 -11.70
C ASN A 286 -4.31 -10.04 -11.42
N VAL A 287 -5.42 -10.20 -12.16
CA VAL A 287 -6.64 -9.40 -11.99
C VAL A 287 -7.14 -9.52 -10.54
N THR A 288 -7.20 -10.75 -10.06
CA THR A 288 -7.78 -11.02 -8.75
C THR A 288 -6.75 -11.11 -7.61
N ASP A 289 -5.51 -10.70 -7.88
CA ASP A 289 -4.45 -10.70 -6.86
C ASP A 289 -4.71 -9.53 -5.90
N MET A 290 -5.06 -9.87 -4.67
CA MET A 290 -5.41 -8.87 -3.67
C MET A 290 -4.24 -8.51 -2.74
N SER A 291 -3.02 -8.97 -3.07
CA SER A 291 -1.87 -8.83 -2.17
C SER A 291 -1.34 -7.40 -2.11
N LYS A 292 -1.67 -6.58 -3.11
CA LYS A 292 -1.31 -5.17 -3.10
C LYS A 292 -2.56 -4.26 -2.98
N ALA A 293 -3.68 -4.81 -2.50
CA ALA A 293 -4.94 -4.08 -2.47
C ALA A 293 -4.89 -2.76 -1.71
N LYS A 294 -5.57 -1.74 -2.23
CA LYS A 294 -5.64 -0.42 -1.59
C LYS A 294 -7.09 0.09 -1.51
N HIS A 295 -7.35 0.88 -0.47
CA HIS A 295 -8.62 1.59 -0.32
C HIS A 295 -8.58 2.97 -1.03
N LEU A 296 -9.53 3.19 -1.93
CA LEU A 296 -9.79 4.54 -2.46
C LEU A 296 -10.83 5.27 -1.62
N GLY A 297 -10.69 6.59 -1.54
CA GLY A 297 -11.57 7.44 -0.75
C GLY A 297 -12.82 7.92 -1.48
N ALA A 298 -12.71 8.14 -2.79
CA ALA A 298 -13.78 8.75 -3.56
C ALA A 298 -13.79 8.26 -5.00
N ILE A 299 -14.94 8.40 -5.65
CA ILE A 299 -15.11 7.94 -7.04
C ILE A 299 -14.10 8.54 -8.04
N ALA A 300 -13.74 9.81 -7.87
CA ALA A 300 -12.76 10.46 -8.76
C ALA A 300 -11.39 9.77 -8.74
N GLU A 301 -10.96 9.29 -7.57
CA GLU A 301 -9.74 8.47 -7.43
C GLU A 301 -9.83 7.21 -8.28
N ALA A 302 -10.95 6.51 -8.15
CA ALA A 302 -11.21 5.28 -8.90
C ALA A 302 -11.13 5.57 -10.38
N SER A 303 -11.64 6.73 -10.78
CA SER A 303 -11.66 7.16 -12.18
C SER A 303 -10.32 7.67 -12.72
N GLY A 304 -9.53 8.34 -11.88
CA GLY A 304 -8.26 8.96 -12.31
C GLY A 304 -7.07 8.03 -12.52
N THR A 305 -7.18 6.77 -12.10
CA THR A 305 -6.07 5.82 -12.23
C THR A 305 -6.05 5.12 -13.61
N LEU A 306 -7.18 5.11 -14.31
CA LEU A 306 -7.31 4.54 -15.65
C LEU A 306 -6.40 5.21 -16.67
N LEU A 307 -6.36 6.54 -16.61
CA LEU A 307 -5.48 7.30 -17.45
C LEU A 307 -4.04 6.81 -17.37
N GLU A 308 -3.53 6.65 -16.15
CA GLU A 308 -2.15 6.18 -15.88
C GLU A 308 -1.87 4.85 -16.60
N VAL A 309 -2.77 3.89 -16.39
CA VAL A 309 -2.72 2.60 -17.08
C VAL A 309 -2.57 2.78 -18.58
N LEU A 310 -3.45 3.59 -19.19
CA LEU A 310 -3.47 3.77 -20.64
C LEU A 310 -2.17 4.41 -21.14
N GLU A 311 -1.73 5.46 -20.44
CA GLU A 311 -0.50 6.15 -20.79
C GLU A 311 0.71 5.22 -20.66
N LYS A 312 0.77 4.45 -19.58
CA LYS A 312 1.85 3.48 -19.41
C LYS A 312 1.91 2.49 -20.57
N LEU A 313 0.76 1.88 -20.84
CA LEU A 313 0.62 0.93 -21.91
C LEU A 313 1.07 1.55 -23.25
N LYS A 314 0.69 2.81 -23.47
CA LYS A 314 1.03 3.51 -24.71
C LYS A 314 2.53 3.80 -24.81
N GLU A 315 3.13 4.29 -23.72
CA GLU A 315 4.55 4.60 -23.72
C GLU A 315 5.36 3.33 -23.43
N GLY A 316 5.59 2.53 -24.47
CA GLY A 316 6.15 1.20 -24.30
C GLY A 316 5.10 0.17 -24.67
N GLY A 317 4.85 -0.78 -23.78
CA GLY A 317 3.82 -1.78 -24.07
C GLY A 317 3.76 -2.96 -23.11
N GLY A 318 3.38 -4.11 -23.67
CA GLY A 318 3.26 -5.36 -22.91
C GLY A 318 4.59 -6.08 -22.75
N ASP A 319 5.59 -5.63 -23.48
CA ASP A 319 6.97 -6.11 -23.36
C ASP A 319 7.73 -5.38 -22.23
N ALA A 320 6.98 -4.83 -21.28
CA ALA A 320 7.52 -4.14 -20.13
C ALA A 320 7.08 -4.82 -18.84
N ILE A 321 7.89 -4.66 -17.80
CA ILE A 321 7.70 -5.32 -16.51
C ILE A 321 7.52 -4.23 -15.42
N GLU A 322 6.74 -4.54 -14.40
CA GLU A 322 6.48 -3.59 -13.30
C GLU A 322 6.41 -4.29 -11.94
N ASP A 323 6.98 -3.65 -10.92
CA ASP A 323 6.91 -4.16 -9.53
C ASP A 323 7.09 -3.08 -8.45
N ALA A 324 6.60 -3.39 -7.25
CA ALA A 324 6.69 -2.51 -6.06
C ALA A 324 7.86 -2.89 -5.16
N PHE A 325 8.49 -1.88 -4.54
CA PHE A 325 9.66 -2.05 -3.64
C PHE A 325 9.48 -1.19 -2.39
N GLU A 326 9.15 -1.83 -1.27
CA GLU A 326 8.95 -1.16 0.01
C GLU A 326 10.23 -1.14 0.81
N PHE A 327 10.53 -0.02 1.45
CA PHE A 327 11.73 0.06 2.33
C PHE A 327 11.63 1.11 3.42
N ASN A 328 12.43 0.92 4.47
CA ASN A 328 12.53 1.87 5.57
C ASN A 328 13.96 1.78 6.02
N SER A 329 14.28 2.38 7.16
CA SER A 329 15.65 2.46 7.64
C SER A 329 16.28 1.06 7.79
N LYS A 330 15.47 0.08 8.19
CA LYS A 330 15.94 -1.29 8.38
C LYS A 330 16.68 -1.78 7.13
N GLU A 331 16.02 -1.73 5.97
CA GLU A 331 16.65 -2.12 4.69
C GLU A 331 17.86 -1.26 4.32
N LEU A 332 17.82 0.03 4.68
CA LEU A 332 18.93 0.91 4.33
C LEU A 332 20.21 0.49 5.06
N ILE A 333 20.08 0.25 6.36
CA ILE A 333 21.21 -0.11 7.24
C ILE A 333 21.69 -1.52 6.94
N THR A 334 20.76 -2.44 6.66
CA THR A 334 21.10 -3.82 6.28
C THR A 334 22.03 -3.81 5.06
N TYR A 335 21.70 -2.93 4.12
CA TYR A 335 22.48 -2.74 2.89
C TYR A 335 23.84 -2.10 3.16
N ALA A 336 23.87 -1.03 3.94
CA ALA A 336 25.15 -0.36 4.26
C ALA A 336 26.16 -1.30 4.96
N LEU A 337 25.70 -2.05 5.95
CA LEU A 337 26.53 -3.08 6.58
C LEU A 337 26.96 -4.15 5.54
N GLY A 338 26.06 -4.53 4.64
CA GLY A 338 26.37 -5.46 3.57
C GLY A 338 27.51 -5.00 2.68
N ILE A 339 27.62 -3.70 2.47
CA ILE A 339 28.75 -3.18 1.70
C ILE A 339 29.90 -2.60 2.55
N GLY A 340 29.99 -3.02 3.79
CA GLY A 340 31.17 -2.72 4.60
C GLY A 340 31.19 -1.47 5.47
N ALA A 341 30.13 -0.63 5.41
CA ALA A 341 30.07 0.56 6.29
C ALA A 341 30.14 0.02 7.70
N SER A 342 30.79 0.76 8.58
CA SER A 342 31.10 0.29 9.94
C SER A 342 31.04 1.42 10.95
N VAL A 343 30.50 1.14 12.14
CA VAL A 343 30.50 2.16 13.20
C VAL A 343 31.90 2.48 13.71
N LYS A 344 32.92 1.72 13.33
CA LYS A 344 34.32 2.14 13.59
C LYS A 344 34.68 3.47 12.87
N ASN A 345 33.95 3.80 11.81
CA ASN A 345 34.19 5.04 11.05
C ASN A 345 33.16 6.10 11.50
N ALA A 346 33.61 7.19 12.11
CA ALA A 346 32.67 8.25 12.53
C ALA A 346 31.75 8.72 11.39
N LYS A 347 32.30 8.79 10.18
CA LYS A 347 31.54 9.26 9.02
C LYS A 347 30.49 8.30 8.51
N ASP A 348 30.53 7.05 8.99
CA ASP A 348 29.56 6.04 8.62
C ASP A 348 28.30 6.01 9.47
N MET A 349 28.31 6.64 10.66
CA MET A 349 27.12 6.64 11.53
C MET A 349 25.89 7.06 10.75
N ARG A 350 26.06 8.00 9.83
CA ARG A 350 24.96 8.55 9.07
C ARG A 350 24.26 7.49 8.19
N PHE A 351 25.01 6.43 7.85
CA PHE A 351 24.46 5.35 7.04
C PHE A 351 23.99 4.18 7.92
N LEU A 352 24.25 4.27 9.22
CA LEU A 352 24.05 3.08 10.08
C LEU A 352 23.05 3.24 11.23
N TYR A 353 22.61 4.47 11.50
CA TYR A 353 21.69 4.67 12.62
C TYR A 353 20.57 5.63 12.21
N GLU A 354 19.31 5.16 12.28
CA GLU A 354 18.18 5.87 11.65
C GLU A 354 17.91 7.24 12.26
N ASN A 355 18.27 7.44 13.53
CA ASN A 355 18.02 8.71 14.21
C ASN A 355 19.17 9.72 14.07
N ASP A 356 20.22 9.36 13.34
CA ASP A 356 21.31 10.30 13.05
C ASP A 356 20.73 11.48 12.28
N ALA A 357 21.16 12.70 12.64
CA ALA A 357 20.70 13.93 11.97
C ALA A 357 20.96 13.93 10.46
N ASP A 358 21.96 13.19 10.02
CA ASP A 358 22.30 13.09 8.61
C ASP A 358 21.94 11.72 8.03
N PHE A 359 21.04 10.95 8.68
CA PHE A 359 20.66 9.62 8.18
C PHE A 359 20.24 9.62 6.71
N ALA A 360 20.92 8.80 5.92
CA ALA A 360 20.69 8.73 4.48
C ALA A 360 21.03 7.34 3.97
N ALA A 361 20.54 6.99 2.78
CA ALA A 361 21.00 5.78 2.08
C ALA A 361 22.38 6.04 1.50
N ILE A 362 23.22 5.00 1.46
CA ILE A 362 24.34 5.02 0.53
C ILE A 362 23.64 4.88 -0.83
N PRO A 363 23.90 5.80 -1.76
CA PRO A 363 23.00 5.90 -2.93
C PRO A 363 22.98 4.65 -3.85
N THR A 364 24.01 3.82 -3.81
CA THR A 364 23.95 2.58 -4.60
C THR A 364 22.90 1.60 -4.09
N PHE A 365 22.35 1.86 -2.89
CA PHE A 365 21.19 1.12 -2.43
C PHE A 365 20.10 1.06 -3.53
N PHE A 366 19.95 2.17 -4.26
CA PHE A 366 18.91 2.28 -5.27
C PHE A 366 19.16 1.51 -6.59
N VAL A 367 20.17 0.65 -6.61
CA VAL A 367 20.28 -0.34 -7.68
C VAL A 367 19.27 -1.48 -7.45
N LEU A 368 18.99 -1.78 -6.17
CA LEU A 368 18.11 -2.91 -5.80
C LEU A 368 16.74 -2.97 -6.49
N PRO A 369 15.97 -1.85 -6.50
CA PRO A 369 14.62 -1.98 -7.10
C PRO A 369 14.70 -2.43 -8.56
N GLY A 370 15.57 -1.79 -9.34
CA GLY A 370 15.86 -2.20 -10.72
C GLY A 370 16.33 -3.62 -10.80
N LEU A 371 17.31 -3.98 -9.99
CA LEU A 371 17.88 -5.33 -9.99
C LEU A 371 16.85 -6.45 -9.76
N LEU A 372 16.09 -6.33 -8.67
CA LEU A 372 15.12 -7.36 -8.26
C LEU A 372 14.02 -7.58 -9.30
N LEU A 373 13.48 -6.48 -9.81
CA LEU A 373 12.51 -6.52 -10.89
C LEU A 373 13.05 -7.25 -12.11
N GLN A 374 14.28 -6.91 -12.52
CA GLN A 374 14.83 -7.46 -13.76
C GLN A 374 15.27 -8.93 -13.63
N MET A 375 15.54 -9.38 -12.40
CA MET A 375 15.87 -10.79 -12.19
C MET A 375 14.70 -11.63 -11.67
N SER A 376 13.55 -11.00 -11.42
CA SER A 376 12.36 -11.68 -10.90
C SER A 376 11.71 -12.62 -11.92
N THR A 377 11.66 -12.18 -13.18
CA THR A 377 11.19 -13.01 -14.29
C THR A 377 12.19 -13.00 -15.44
N ASP A 378 12.00 -13.90 -16.40
CA ASP A 378 12.71 -13.85 -17.68
C ASP A 378 11.75 -13.56 -18.84
N LYS A 379 11.90 -12.39 -19.45
CA LYS A 379 11.11 -11.98 -20.62
C LYS A 379 11.95 -11.11 -21.56
N ILE A 395 23.03 -16.43 -16.58
CA ILE A 395 22.94 -14.97 -16.56
C ILE A 395 24.04 -14.35 -15.68
N LEU A 396 25.14 -14.00 -16.35
CA LEU A 396 26.24 -13.26 -15.71
C LEU A 396 25.92 -11.77 -15.77
N HIS A 397 25.86 -11.14 -14.61
CA HIS A 397 25.74 -9.70 -14.57
C HIS A 397 27.10 -9.14 -14.99
N GLY A 398 27.16 -8.49 -16.16
CA GLY A 398 28.41 -8.03 -16.76
C GLY A 398 28.80 -6.57 -16.58
N GLU A 399 27.81 -5.69 -16.53
CA GLU A 399 28.04 -4.25 -16.37
C GLU A 399 26.86 -3.61 -15.64
N GLN A 400 27.12 -2.54 -14.88
CA GLN A 400 26.04 -1.81 -14.20
C GLN A 400 26.18 -0.29 -14.33
N TYR A 401 25.05 0.38 -14.50
CA TYR A 401 24.99 1.85 -14.50
C TYR A 401 23.85 2.31 -13.61
N LEU A 402 24.11 3.35 -12.83
CA LEU A 402 23.10 3.89 -11.93
C LEU A 402 23.18 5.40 -11.82
N GLU A 403 22.04 6.04 -12.08
CA GLU A 403 21.96 7.50 -12.04
C GLU A 403 20.91 7.96 -11.03
N ILE A 404 21.36 8.74 -10.05
CA ILE A 404 20.47 9.47 -9.17
C ILE A 404 20.09 10.74 -9.91
N VAL A 405 18.79 10.99 -10.05
CA VAL A 405 18.29 12.15 -10.79
C VAL A 405 17.72 13.26 -9.88
N ASP A 406 17.39 12.89 -8.63
CA ASP A 406 16.73 13.80 -7.70
C ASP A 406 17.01 13.37 -6.26
N ASP A 407 16.83 14.28 -5.30
CA ASP A 407 17.00 14.00 -3.87
C ASP A 407 16.37 12.67 -3.47
N LEU A 408 17.11 11.88 -2.69
CA LEU A 408 16.72 10.53 -2.31
C LEU A 408 16.02 10.49 -0.96
N PRO A 409 15.02 9.60 -0.81
CA PRO A 409 14.33 9.54 0.47
C PRO A 409 14.96 8.44 1.32
N THR A 410 14.47 8.29 2.54
CA THR A 410 14.94 7.26 3.45
C THR A 410 13.87 6.19 3.72
N SER A 411 12.70 6.36 3.12
CA SER A 411 11.69 5.31 3.10
C SER A 411 10.71 5.57 1.99
N GLY A 412 9.79 4.62 1.82
CA GLY A 412 8.65 4.80 0.94
C GLY A 412 8.36 3.52 0.20
N THR A 413 7.52 3.63 -0.82
CA THR A 413 7.15 2.51 -1.66
C THR A 413 7.39 2.92 -3.10
N LEU A 414 8.41 2.32 -3.71
CA LEU A 414 8.84 2.69 -5.05
C LEU A 414 8.08 1.92 -6.11
N LEU A 415 7.87 2.58 -7.25
CA LEU A 415 7.37 1.92 -8.43
C LEU A 415 8.51 1.85 -9.44
N THR A 416 8.74 0.66 -9.99
CA THR A 416 9.81 0.48 -10.97
C THR A 416 9.31 -0.21 -12.23
N ASN A 417 9.90 0.16 -13.37
CA ASN A 417 9.65 -0.54 -14.62
C ASN A 417 10.92 -1.21 -15.18
N GLY A 418 10.75 -2.01 -16.22
CA GLY A 418 11.84 -2.76 -16.81
C GLY A 418 11.57 -2.92 -18.28
N LYS A 419 12.54 -2.53 -19.09
CA LYS A 419 12.45 -2.65 -20.53
C LYS A 419 13.81 -3.04 -21.07
N VAL A 420 13.82 -4.04 -21.94
CA VAL A 420 15.01 -4.39 -22.70
C VAL A 420 15.30 -3.20 -23.61
N PHE A 421 16.50 -2.65 -23.52
CA PHE A 421 16.89 -1.51 -24.34
C PHE A 421 17.61 -1.91 -25.64
N ASP A 422 18.57 -2.83 -25.51
CA ASP A 422 19.36 -3.25 -26.67
C ASP A 422 19.75 -4.73 -26.58
N VAL A 423 19.81 -5.40 -27.72
CA VAL A 423 20.32 -6.78 -27.80
C VAL A 423 21.49 -6.79 -28.78
N MET A 424 22.58 -7.46 -28.39
CA MET A 424 23.77 -7.62 -29.24
C MET A 424 24.12 -9.10 -29.46
N ASP A 425 25.03 -9.35 -30.39
CA ASP A 425 25.45 -10.70 -30.76
C ASP A 425 26.97 -10.81 -30.79
N LYS A 426 27.52 -11.48 -29.78
CA LYS A 426 28.98 -11.54 -29.60
C LYS A 426 29.53 -12.95 -29.86
N GLY A 427 29.14 -13.52 -30.99
CA GLY A 427 29.60 -14.85 -31.38
C GLY A 427 29.02 -15.93 -30.49
N SER A 428 29.77 -16.31 -29.46
CA SER A 428 29.37 -17.37 -28.54
C SER A 428 28.64 -16.81 -27.32
N GLY A 429 27.71 -15.89 -27.58
CA GLY A 429 26.97 -15.20 -26.51
C GLY A 429 26.16 -14.01 -27.01
N ALA A 430 25.15 -13.62 -26.22
CA ALA A 430 24.32 -12.47 -26.54
C ALA A 430 24.27 -11.49 -25.38
N VAL A 431 24.39 -10.21 -25.69
CA VAL A 431 24.31 -9.16 -24.67
C VAL A 431 22.93 -8.51 -24.67
N VAL A 432 22.29 -8.49 -23.50
CA VAL A 432 21.02 -7.81 -23.34
C VAL A 432 21.20 -6.62 -22.40
N VAL A 433 20.89 -5.43 -22.91
CA VAL A 433 20.93 -4.21 -22.10
C VAL A 433 19.52 -3.90 -21.64
N THR A 434 19.34 -3.82 -20.33
CA THR A 434 18.04 -3.58 -19.71
C THR A 434 18.01 -2.22 -19.03
N ASN A 435 16.96 -1.46 -19.32
CA ASN A 435 16.74 -0.13 -18.76
C ASN A 435 15.60 -0.13 -17.74
N SER A 436 15.81 0.54 -16.61
CA SER A 436 14.85 0.58 -15.52
C SER A 436 14.72 1.98 -14.91
N GLU A 437 13.48 2.37 -14.61
CA GLU A 437 13.24 3.64 -13.95
C GLU A 437 12.46 3.45 -12.65
N SER A 438 12.92 4.10 -11.59
CA SER A 438 12.22 4.03 -10.31
C SER A 438 11.64 5.37 -9.93
N PHE A 439 10.36 5.35 -9.55
CA PHE A 439 9.61 6.55 -9.15
C PHE A 439 9.07 6.35 -7.74
N ASP A 440 8.92 7.46 -6.99
CA ASP A 440 8.26 7.41 -5.67
C ASP A 440 6.72 7.30 -5.79
N GLU A 441 6.01 7.39 -4.66
CA GLU A 441 4.55 7.24 -4.65
C GLU A 441 3.81 8.34 -5.41
N SER A 442 4.26 9.59 -5.27
CA SER A 442 3.62 10.73 -5.97
C SER A 442 3.95 10.78 -7.47
N GLY A 443 5.03 10.11 -7.87
CA GLY A 443 5.36 9.98 -9.28
C GLY A 443 6.66 10.62 -9.71
N ARG A 444 7.47 11.08 -8.75
CA ARG A 444 8.76 11.70 -9.06
C ARG A 444 9.79 10.64 -9.44
N LEU A 445 10.48 10.86 -10.56
CA LEU A 445 11.52 9.95 -11.01
C LEU A 445 12.77 10.10 -10.14
N LEU A 446 13.15 9.00 -9.48
CA LEU A 446 14.32 9.01 -8.59
C LEU A 446 15.56 8.38 -9.22
N VAL A 447 15.38 7.30 -9.98
CA VAL A 447 16.52 6.48 -10.40
C VAL A 447 16.48 6.01 -11.85
N ARG A 448 17.61 6.11 -12.51
CA ARG A 448 17.82 5.38 -13.76
C ARG A 448 18.79 4.22 -13.51
N ASN A 449 18.38 3.03 -13.95
CA ASN A 449 19.18 1.81 -13.82
C ASN A 449 19.34 1.20 -15.20
N GLN A 450 20.59 1.14 -15.66
CA GLN A 450 20.90 0.41 -16.87
C GLN A 450 21.86 -0.71 -16.52
N SER A 451 21.43 -1.92 -16.84
CA SER A 451 22.18 -3.13 -16.53
C SER A 451 22.45 -3.94 -17.80
N THR A 452 23.67 -4.46 -17.90
CA THR A 452 24.09 -5.24 -19.08
C THR A 452 24.36 -6.67 -18.68
N THR A 453 23.67 -7.62 -19.31
CA THR A 453 23.87 -9.04 -19.01
C THR A 453 24.38 -9.82 -20.21
N PHE A 454 25.07 -10.91 -19.93
CA PHE A 454 25.64 -11.78 -20.97
C PHE A 454 25.00 -13.17 -20.86
N ILE A 455 24.44 -13.65 -21.97
CA ILE A 455 23.74 -14.94 -21.97
C ILE A 455 24.37 -15.93 -22.96
N VAL A 456 25.10 -16.89 -22.41
CA VAL A 456 25.81 -17.89 -23.21
C VAL A 456 24.84 -19.00 -23.67
N GLY A 457 24.70 -19.22 -24.96
CA GLY A 457 25.42 -18.46 -26.00
C GLY A 457 24.69 -18.47 -27.32
N ASP A 466 28.19 -4.11 -32.20
CA ASP A 466 27.52 -2.81 -32.36
C ASP A 466 26.49 -2.56 -31.26
N PRO A 467 26.86 -1.75 -30.24
CA PRO A 467 25.86 -1.20 -29.31
C PRO A 467 25.21 0.06 -29.87
N ILE A 468 23.94 0.28 -29.54
CA ILE A 468 23.23 1.47 -30.03
C ILE A 468 23.42 2.64 -29.07
N ALA A 469 23.10 3.84 -29.54
CA ALA A 469 23.17 5.05 -28.71
C ALA A 469 22.28 4.93 -27.47
N GLY A 470 22.73 5.51 -26.36
CA GLY A 470 21.99 5.43 -25.12
C GLY A 470 22.43 4.27 -24.24
N VAL A 471 23.33 3.45 -24.77
CA VAL A 471 24.03 2.44 -23.96
C VAL A 471 25.27 3.10 -23.39
N VAL A 472 25.30 3.18 -22.07
CA VAL A 472 26.34 3.92 -21.37
C VAL A 472 27.67 3.19 -21.45
N PRO A 473 28.67 3.84 -22.08
CA PRO A 473 29.96 3.21 -22.35
C PRO A 473 30.87 3.25 -21.14
N LEU A 474 31.84 2.34 -21.13
CA LEU A 474 32.85 2.28 -20.08
C LEU A 474 33.92 3.29 -20.44
N GLN A 475 34.67 3.73 -19.43
CA GLN A 475 35.77 4.66 -19.67
C GLN A 475 37.03 4.05 -19.07
N PRO A 476 38.10 3.90 -19.88
CA PRO A 476 39.31 3.27 -19.36
C PRO A 476 40.03 4.16 -18.36
N ALA A 477 40.79 3.54 -17.45
CA ALA A 477 41.54 4.26 -16.41
C ALA A 477 42.51 5.28 -17.00
N PRO A 478 42.67 6.45 -16.35
CA PRO A 478 43.68 7.40 -16.82
C PRO A 478 45.07 6.79 -16.70
N ASN A 479 45.85 6.88 -17.78
CA ASN A 479 47.14 6.22 -17.86
C ASN A 479 48.23 6.93 -17.03
N ARG A 480 48.14 6.74 -15.72
CA ARG A 480 49.07 7.31 -14.76
C ARG A 480 48.74 6.71 -13.39
N GLN A 481 49.62 6.93 -12.42
CA GLN A 481 49.41 6.43 -11.05
C GLN A 481 48.10 6.98 -10.44
N PRO A 482 47.32 6.12 -9.76
CA PRO A 482 46.12 6.60 -9.07
C PRO A 482 46.42 7.77 -8.14
N ASP A 483 45.48 8.69 -8.02
CA ASP A 483 45.60 9.81 -7.09
C ASP A 483 45.44 9.35 -5.62
N ALA A 484 44.59 8.34 -5.39
CA ALA A 484 44.40 7.75 -4.06
C ALA A 484 44.12 6.26 -4.15
N THR A 485 44.26 5.57 -3.01
CA THR A 485 43.91 4.17 -2.84
C THR A 485 43.22 3.97 -1.52
N VAL A 486 42.28 3.04 -1.47
CA VAL A 486 41.60 2.70 -0.25
C VAL A 486 41.57 1.17 -0.13
N GLN A 487 41.94 0.65 1.04
CA GLN A 487 41.86 -0.78 1.27
C GLN A 487 40.70 -1.14 2.22
N TYR A 488 39.90 -2.13 1.81
CA TYR A 488 38.84 -2.69 2.64
C TYR A 488 38.96 -4.23 2.68
N THR A 489 39.04 -4.78 3.88
CA THR A 489 38.97 -6.23 4.10
C THR A 489 37.51 -6.62 4.09
N THR A 490 37.15 -7.66 3.34
CA THR A 490 35.79 -8.15 3.44
C THR A 490 35.74 -9.25 4.49
N SER A 491 34.55 -9.54 5.01
CA SER A 491 34.50 -10.66 5.95
C SER A 491 34.06 -11.92 5.20
N GLU A 492 34.31 -13.07 5.81
CA GLU A 492 33.84 -14.37 5.26
C GLU A 492 32.29 -14.45 5.14
N ASP A 493 31.60 -13.59 5.88
CA ASP A 493 30.15 -13.54 5.84
C ASP A 493 29.63 -12.40 4.97
N GLN A 494 30.51 -11.75 4.24
CA GLN A 494 30.10 -10.59 3.45
C GLN A 494 28.92 -10.88 2.50
N ALA A 495 28.96 -12.01 1.81
CA ALA A 495 27.87 -12.37 0.88
C ALA A 495 26.65 -12.88 1.62
N ALA A 496 26.88 -13.60 2.73
CA ALA A 496 25.78 -14.09 3.52
C ALA A 496 24.96 -12.91 4.04
N LEU A 497 25.64 -11.80 4.29
CA LEU A 497 25.00 -10.56 4.73
C LEU A 497 24.43 -9.74 3.56
N TYR A 498 25.22 -9.58 2.49
CA TYR A 498 24.80 -8.77 1.35
C TYR A 498 23.54 -9.28 0.66
N ARG A 499 23.38 -10.60 0.59
CA ARG A 499 22.24 -11.23 -0.05
C ARG A 499 20.90 -10.90 0.66
N LEU A 500 20.98 -10.46 1.90
CA LEU A 500 19.78 -10.06 2.63
C LEU A 500 19.10 -8.82 2.03
N SER A 501 19.86 -8.05 1.26
CA SER A 501 19.31 -6.88 0.57
C SER A 501 18.48 -7.26 -0.67
N GLY A 502 18.54 -8.54 -1.04
CA GLY A 502 17.47 -9.13 -1.88
C GLY A 502 17.95 -10.09 -2.94
N ASP A 503 19.27 -10.16 -3.15
CA ASP A 503 19.78 -10.98 -4.27
C ASP A 503 20.19 -12.39 -3.80
N LYS A 504 19.23 -13.30 -3.92
CA LYS A 504 19.25 -14.61 -3.25
C LYS A 504 19.93 -15.70 -4.05
N ASN A 505 20.49 -15.36 -5.20
CA ASN A 505 21.19 -16.31 -6.04
C ASN A 505 22.06 -17.24 -5.21
N PRO A 506 21.79 -18.57 -5.29
CA PRO A 506 22.50 -19.56 -4.47
C PRO A 506 24.03 -19.65 -4.66
N LEU A 507 24.55 -19.13 -5.78
CA LEU A 507 26.00 -19.21 -6.03
C LEU A 507 26.85 -18.30 -5.13
N HIS A 508 26.21 -17.39 -4.39
CA HIS A 508 26.93 -16.51 -3.49
C HIS A 508 26.99 -17.09 -2.08
N ILE A 509 26.41 -18.26 -1.88
CA ILE A 509 26.35 -18.86 -0.56
C ILE A 509 26.45 -20.39 -0.53
N ASP A 510 25.89 -21.07 -1.53
CA ASP A 510 25.81 -22.53 -1.54
C ASP A 510 26.92 -23.11 -2.43
N PRO A 511 27.88 -23.82 -1.81
CA PRO A 511 29.03 -24.38 -2.54
C PRO A 511 28.63 -25.21 -3.76
N GLN A 512 27.61 -26.07 -3.63
CA GLN A 512 27.19 -26.96 -4.72
C GLN A 512 26.68 -26.17 -5.93
N MET A 513 25.90 -25.12 -5.68
CA MET A 513 25.35 -24.26 -6.75
C MET A 513 26.39 -23.33 -7.37
N ALA A 514 27.32 -22.84 -6.55
CA ALA A 514 28.45 -22.07 -7.06
C ALA A 514 29.19 -22.90 -8.11
N LEU A 515 29.54 -24.13 -7.74
CA LEU A 515 30.20 -25.06 -8.65
C LEU A 515 29.44 -25.25 -9.96
N LEU A 516 28.13 -25.48 -9.87
CA LEU A 516 27.30 -25.71 -11.06
C LEU A 516 27.27 -24.48 -11.95
N ALA A 517 27.47 -23.31 -11.35
CA ALA A 517 27.60 -22.04 -12.09
C ALA A 517 29.04 -21.74 -12.50
N GLY A 518 29.94 -22.68 -12.27
CA GLY A 518 31.36 -22.56 -12.69
C GLY A 518 32.27 -21.74 -11.78
N PHE A 519 32.05 -21.83 -10.47
CA PHE A 519 32.94 -21.22 -9.47
C PHE A 519 33.34 -22.24 -8.41
N LYS A 520 34.62 -22.19 -8.01
CA LYS A 520 35.20 -23.14 -7.08
C LYS A 520 34.68 -22.95 -5.67
N THR A 521 34.46 -21.69 -5.28
CA THR A 521 33.81 -21.35 -4.02
C THR A 521 32.70 -20.32 -4.26
N PRO A 522 31.80 -20.15 -3.27
CA PRO A 522 30.86 -19.03 -3.40
C PRO A 522 31.57 -17.69 -3.57
N ILE A 523 31.13 -16.90 -4.53
CA ILE A 523 31.70 -15.58 -4.81
C ILE A 523 30.84 -14.45 -4.25
N LEU A 524 31.49 -13.34 -3.91
CA LEU A 524 30.78 -12.13 -3.46
C LEU A 524 29.98 -11.53 -4.62
N HIS A 525 28.81 -10.97 -4.35
CA HIS A 525 28.00 -10.32 -5.41
C HIS A 525 28.80 -9.17 -6.02
N GLY A 526 28.81 -9.09 -7.35
CA GLY A 526 29.48 -7.96 -8.00
C GLY A 526 28.99 -6.60 -7.50
N LEU A 527 27.71 -6.48 -7.25
CA LEU A 527 27.15 -5.23 -6.77
C LEU A 527 27.60 -4.89 -5.34
N CYS A 528 28.01 -5.90 -4.57
CA CYS A 528 28.56 -5.68 -3.24
C CYS A 528 29.91 -4.99 -3.36
N THR A 529 30.77 -5.52 -4.25
CA THR A 529 32.07 -4.95 -4.56
C THR A 529 31.93 -3.53 -5.10
N LEU A 530 30.89 -3.29 -5.90
CA LEU A 530 30.61 -1.94 -6.38
C LEU A 530 30.27 -1.02 -5.20
N GLY A 531 29.50 -1.55 -4.25
CA GLY A 531 29.19 -0.83 -3.03
C GLY A 531 30.44 -0.38 -2.28
N PHE A 532 31.35 -1.33 -2.01
CA PHE A 532 32.63 -1.00 -1.35
C PHE A 532 33.37 0.09 -2.11
N SER A 533 33.36 -0.01 -3.43
CA SER A 533 34.08 0.94 -4.30
C SER A 533 33.50 2.35 -4.26
N VAL A 534 32.17 2.47 -4.33
CA VAL A 534 31.52 3.77 -4.25
C VAL A 534 31.72 4.39 -2.87
N ARG A 535 31.81 3.53 -1.85
CA ARG A 535 32.12 4.02 -0.51
C ARG A 535 33.51 4.63 -0.46
N ALA A 536 34.50 4.00 -1.11
CA ALA A 536 35.85 4.54 -1.17
C ALA A 536 35.83 5.87 -1.91
N VAL A 537 35.11 5.93 -3.03
CA VAL A 537 34.93 7.19 -3.76
C VAL A 537 34.33 8.34 -2.89
N LEU A 538 33.24 8.05 -2.17
CA LEU A 538 32.54 9.05 -1.35
C LEU A 538 33.33 9.53 -0.12
N ALA A 539 34.06 8.64 0.56
CA ALA A 539 34.87 9.04 1.73
C ALA A 539 36.05 9.88 1.27
N GLN A 540 36.59 9.49 0.12
CA GLN A 540 37.81 10.06 -0.42
C GLN A 540 37.59 11.38 -1.15
N PHE A 541 36.43 11.55 -1.77
CA PHE A 541 36.21 12.68 -2.70
C PHE A 541 34.93 13.47 -2.51
N ALA A 542 34.07 13.05 -1.59
CA ALA A 542 32.79 13.72 -1.43
C ALA A 542 32.47 13.94 0.05
N ASP A 543 33.47 13.75 0.90
CA ASP A 543 33.35 13.95 2.35
C ASP A 543 32.23 13.07 2.94
N ASN A 544 32.04 11.89 2.34
CA ASN A 544 30.97 10.97 2.72
C ASN A 544 29.59 11.60 2.60
N ASN A 545 29.43 12.53 1.67
CA ASN A 545 28.15 13.16 1.41
C ASN A 545 27.47 12.45 0.25
N PRO A 546 26.45 11.60 0.55
CA PRO A 546 25.72 10.87 -0.51
C PRO A 546 24.94 11.77 -1.48
N ALA A 547 24.57 12.98 -1.05
CA ALA A 547 23.84 13.87 -1.94
C ALA A 547 24.70 14.39 -3.08
N LEU A 548 26.02 14.19 -3.00
CA LEU A 548 26.93 14.61 -4.08
C LEU A 548 27.12 13.54 -5.15
N PHE A 549 26.65 12.33 -4.86
CA PHE A 549 26.73 11.24 -5.82
C PHE A 549 25.73 11.46 -6.95
N LYS A 550 26.22 11.46 -8.18
CA LYS A 550 25.36 11.59 -9.36
C LYS A 550 25.12 10.23 -10.04
N ALA A 551 26.20 9.50 -10.31
CA ALA A 551 26.13 8.29 -11.12
C ALA A 551 27.34 7.37 -10.93
N VAL A 552 27.13 6.09 -11.17
CA VAL A 552 28.23 5.11 -11.22
C VAL A 552 28.10 4.24 -12.48
N LYS A 553 29.26 3.86 -13.05
CA LYS A 553 29.33 2.92 -14.17
C LYS A 553 30.47 1.95 -13.94
N VAL A 554 30.25 0.68 -14.27
CA VAL A 554 31.14 -0.40 -13.88
C VAL A 554 31.08 -1.58 -14.87
N ARG A 555 32.25 -2.14 -15.18
CA ARG A 555 32.32 -3.50 -15.69
C ARG A 555 32.76 -4.41 -14.53
N PHE A 556 31.99 -5.47 -14.28
CA PHE A 556 32.39 -6.52 -13.35
C PHE A 556 33.31 -7.45 -14.13
N SER A 557 34.57 -7.52 -13.71
CA SER A 557 35.61 -8.13 -14.53
C SER A 557 36.28 -9.35 -13.92
N GLY A 558 35.77 -9.82 -12.78
CA GLY A 558 36.35 -10.96 -12.09
C GLY A 558 35.67 -11.23 -10.76
N PRO A 559 35.84 -12.46 -10.23
CA PRO A 559 35.23 -12.90 -8.98
C PRO A 559 36.05 -12.47 -7.74
N VAL A 560 35.33 -12.10 -6.68
CA VAL A 560 35.88 -11.83 -5.35
C VAL A 560 35.36 -12.92 -4.43
N ILE A 561 36.19 -13.42 -3.53
CA ILE A 561 35.77 -14.42 -2.53
C ILE A 561 35.64 -13.69 -1.18
N PRO A 562 34.47 -13.85 -0.50
CA PRO A 562 34.32 -13.23 0.81
C PRO A 562 35.50 -13.54 1.72
N GLY A 563 36.02 -12.52 2.40
CA GLY A 563 37.19 -12.69 3.25
C GLY A 563 38.42 -12.12 2.57
N GLN A 564 38.31 -11.88 1.26
CA GLN A 564 39.44 -11.31 0.53
C GLN A 564 39.48 -9.82 0.72
N THR A 565 40.63 -9.24 0.40
CA THR A 565 40.91 -7.84 0.62
C THR A 565 40.83 -7.07 -0.69
N LEU A 566 40.07 -5.98 -0.71
CA LEU A 566 39.94 -5.12 -1.88
C LEU A 566 40.80 -3.86 -1.75
N ARG A 567 41.38 -3.41 -2.85
CA ARG A 567 41.93 -2.06 -2.95
C ARG A 567 41.23 -1.31 -4.08
N VAL A 568 40.76 -0.10 -3.77
CA VAL A 568 40.14 0.73 -4.79
C VAL A 568 41.13 1.82 -5.20
N ASP A 569 41.55 1.80 -6.47
CA ASP A 569 42.42 2.84 -7.07
C ASP A 569 41.58 3.98 -7.63
N LEU A 570 41.87 5.22 -7.21
CA LEU A 570 41.05 6.33 -7.64
C LEU A 570 41.84 7.43 -8.37
N TRP A 571 41.25 7.96 -9.44
CA TRP A 571 41.80 9.11 -10.18
C TRP A 571 40.78 10.24 -10.21
N LYS A 572 41.17 11.42 -9.75
CA LYS A 572 40.30 12.58 -9.79
C LYS A 572 40.50 13.36 -11.07
N GLN A 573 39.39 13.62 -11.77
CA GLN A 573 39.40 14.39 -13.01
C GLN A 573 38.17 15.27 -13.12
N GLY A 574 38.12 16.34 -12.31
CA GLY A 574 36.96 17.23 -12.25
C GLY A 574 35.78 16.56 -11.57
N THR A 575 34.63 16.60 -12.24
CA THR A 575 33.38 15.96 -11.80
C THR A 575 33.51 14.44 -11.65
N ARG A 576 34.39 13.84 -12.44
CA ARG A 576 34.43 12.39 -12.58
C ARG A 576 35.56 11.75 -11.77
N ILE A 577 35.23 10.74 -10.96
CA ILE A 577 36.26 9.95 -10.29
C ILE A 577 36.38 8.61 -11.01
N ASN A 578 37.44 8.44 -11.79
CA ASN A 578 37.71 7.12 -12.33
C ASN A 578 38.23 6.21 -11.21
N PHE A 579 37.92 4.93 -11.31
CA PHE A 579 38.38 3.98 -10.33
C PHE A 579 38.44 2.57 -10.91
N ARG A 580 39.21 1.73 -10.22
CA ARG A 580 39.25 0.31 -10.49
C ARG A 580 39.42 -0.37 -9.14
N THR A 581 39.03 -1.63 -9.06
CA THR A 581 39.04 -2.39 -7.82
C THR A 581 39.82 -3.69 -8.05
N VAL A 582 40.79 -3.94 -7.17
CA VAL A 582 41.70 -5.08 -7.26
C VAL A 582 41.57 -5.89 -5.98
N VAL A 583 41.56 -7.21 -6.11
CA VAL A 583 41.71 -8.10 -4.96
C VAL A 583 43.20 -8.09 -4.62
N VAL A 584 43.55 -7.69 -3.40
CA VAL A 584 44.98 -7.57 -3.05
C VAL A 584 45.72 -8.91 -3.11
N GLU A 585 45.12 -9.99 -2.61
CA GLU A 585 45.90 -11.24 -2.46
C GLU A 585 46.32 -11.96 -3.78
N THR A 586 45.55 -11.73 -4.85
CA THR A 586 45.80 -12.35 -6.14
C THR A 586 46.44 -11.37 -7.11
N GLY A 587 46.15 -10.08 -6.94
CA GLY A 587 46.61 -9.06 -7.86
C GLY A 587 45.64 -8.81 -9.01
N LYS A 588 44.48 -9.44 -8.98
CA LYS A 588 43.56 -9.42 -10.12
C LYS A 588 42.51 -8.30 -10.08
N GLU A 589 42.23 -7.74 -11.24
CA GLU A 589 41.24 -6.67 -11.37
C GLU A 589 39.81 -7.24 -11.36
N VAL A 590 38.92 -6.61 -10.61
CA VAL A 590 37.55 -7.15 -10.46
C VAL A 590 36.43 -6.14 -10.79
N ILE A 591 36.82 -4.87 -10.85
CA ILE A 591 35.99 -3.80 -11.39
C ILE A 591 36.88 -2.99 -12.32
N SER A 592 36.46 -2.89 -13.59
CA SER A 592 37.25 -2.23 -14.61
C SER A 592 36.39 -1.23 -15.40
N GLY A 593 37.06 -0.34 -16.13
CA GLY A 593 36.43 0.64 -17.02
C GLY A 593 35.42 1.54 -16.31
N ALA A 594 35.70 1.83 -15.04
CA ALA A 594 34.67 2.33 -14.13
C ALA A 594 34.87 3.76 -13.63
N TYR A 595 33.76 4.41 -13.29
CA TYR A 595 33.77 5.77 -12.75
C TYR A 595 32.54 6.08 -11.89
N VAL A 596 32.70 7.09 -11.04
CA VAL A 596 31.60 7.74 -10.34
C VAL A 596 31.56 9.20 -10.80
N ASP A 597 30.38 9.67 -11.19
CA ASP A 597 30.15 11.10 -11.38
C ASP A 597 29.67 11.74 -10.08
N LEU A 598 30.33 12.81 -9.66
CA LEU A 598 29.89 13.57 -8.50
C LEU A 598 29.12 14.79 -8.96
N LYS A 599 28.45 15.47 -8.04
CA LYS A 599 27.69 16.68 -8.38
C LYS A 599 28.58 17.92 -8.36
#